data_8RUM
#
_entry.id   8RUM
#
_cell.length_a   89.149
_cell.length_b   94.834
_cell.length_c   224.204
_cell.angle_alpha   90.00
_cell.angle_beta   90.00
_cell.angle_gamma   90.00
#
_symmetry.space_group_name_H-M   'P 21 21 21'
#
loop_
_entity.id
_entity.type
_entity.pdbx_description
1 polymer 'Domains 1-5'
2 non-polymer ~{N}-(2-pyrrolidin-1-ylethyl)-2-[3,4,5-tris(oxidanyl)phenyl]carbonyl-1-benzofuran-5-carboxamide
3 non-polymer 'MAGNESIUM ION'
4 water water
#
_entity_poly.entity_id   1
_entity_poly.type   'polyribonucleotide'
_entity_poly.pdbx_seq_one_letter_code
;GGGGUGUGCCCGGCAUGGGUGCAGUCUAUAGGGUGAGAGUCCCGAACUGUGAAGGCAGAAGUAACAGUUAGCCUAACGCA
AGGGUGUCCGUGGCGACAUGGAAUCUGAAGGAAGCGGACGGCAAACCUUCGGUCUGAGGAACACGAACUUCAUAUGAGGC
UAGGUAUCAAUGGAUGAGUUUGCAUAACAAAACAAAGUCCUUUCUGCCAAAGUUGGUACAGAGUAAAUGAAGCAGAUUGA
UGAAGGGAAAGACUGCAUUCUUACCCGGGGAGGUCUGGAAACAGAAGUCAGCAGAAGUCAUAGUACCCUGUUCGCAGGGG
AAGGACGGAACAAGUAUGGCGUUCGCGCCUAAGCUUGAACCGCCGUAUACCGAACGGUACGUACGGUGGUGUGG
;
_entity_poly.pdbx_strand_id   A
#